data_7HB1
#
_entry.id   7HB1
#
_cell.length_a   66.254
_cell.length_b   89.753
_cell.length_c   100.108
_cell.angle_alpha   90.000
_cell.angle_beta   90.000
_cell.angle_gamma   90.000
#
_symmetry.space_group_name_H-M   'I 2 2 2'
#
loop_
_entity.id
_entity.type
_entity.pdbx_description
1 polymer 'Heat shock protein HSP 90-alpha'
2 non-polymer (6-phenoxypyridin-3-yl)methanol
3 water water
#
_entity_poly.entity_id   1
_entity_poly.type   'polypeptide(L)'
_entity_poly.pdbx_seq_one_letter_code
;MDQPMEEEEVETFAFQAEIAQLMSLIINTFYSNKEIFLRELISNSSDALDKIRYESLTDPSKLDSGKELHINLIPNKQDR
TLTIVDTGIGMTKADLINNLGTIAKSGTKAFMEALQAGADISMIGQFGVGFYSAYLVAEKVTVITKHNDDEQYAWESSAG
GSFTVRTDTGEPMGRGTKVILHLKEDQTEYLEERRIKEIVKKHSQFIGYPITLFVEKERDKEVSDDEAELEHHHHHH
;
_entity_poly.pdbx_strand_id   A
#
loop_
_chem_comp.id
_chem_comp.type
_chem_comp.name
_chem_comp.formula
A7Q non-polymer (6-phenoxypyridin-3-yl)methanol 'C12 H11 N O2'
#
# COMPACT_ATOMS: atom_id res chain seq x y z
N GLU A 9 -10.91 18.02 10.73
CA GLU A 9 -11.97 17.08 11.07
C GLU A 9 -11.51 15.64 10.81
N VAL A 10 -11.30 14.87 11.88
CA VAL A 10 -10.70 13.54 11.82
C VAL A 10 -11.70 12.53 12.34
N GLU A 11 -11.96 11.49 11.56
CA GLU A 11 -12.84 10.40 11.96
C GLU A 11 -11.99 9.20 12.35
N THR A 12 -12.28 8.60 13.51
CA THR A 12 -11.58 7.43 14.00
C THR A 12 -12.49 6.22 13.95
N PHE A 13 -12.00 5.12 13.38
CA PHE A 13 -12.74 3.90 13.16
C PHE A 13 -12.02 2.73 13.84
N ALA A 14 -12.80 1.74 14.27
CA ALA A 14 -12.23 0.48 14.69
C ALA A 14 -12.07 -0.44 13.50
N PHE A 15 -10.92 -1.12 13.42
CA PHE A 15 -10.82 -2.23 12.48
C PHE A 15 -11.84 -3.29 12.84
N GLN A 16 -12.37 -3.95 11.81
CA GLN A 16 -13.10 -5.18 12.07
C GLN A 16 -12.17 -6.15 12.79
N ALA A 17 -12.75 -6.97 13.67
CA ALA A 17 -11.94 -7.83 14.52
C ALA A 17 -10.97 -8.69 13.72
N GLU A 18 -11.41 -9.23 12.59
CA GLU A 18 -10.55 -10.11 11.81
C GLU A 18 -9.37 -9.35 11.21
N ILE A 19 -9.55 -8.07 10.89
CA ILE A 19 -8.43 -7.30 10.36
C ILE A 19 -7.47 -6.93 11.47
N ALA A 20 -7.98 -6.60 12.65
CA ALA A 20 -7.08 -6.36 13.77
C ALA A 20 -6.26 -7.61 14.07
N GLN A 21 -6.88 -8.80 13.95
CA GLN A 21 -6.17 -10.05 14.14
C GLN A 21 -5.07 -10.24 13.11
N LEU A 22 -5.38 -9.94 11.84
CA LEU A 22 -4.37 -10.01 10.78
C LEU A 22 -3.18 -9.12 11.08
N MET A 23 -3.45 -7.87 11.45
CA MET A 23 -2.36 -6.95 11.70
C MET A 23 -1.54 -7.38 12.91
N SER A 24 -2.19 -7.88 13.95
CA SER A 24 -1.44 -8.38 15.10
C SER A 24 -0.53 -9.54 14.69
N LEU A 25 -1.03 -10.44 13.84
CA LEU A 25 -0.22 -11.57 13.39
C LEU A 25 0.99 -11.07 12.61
N ILE A 26 0.78 -10.10 11.73
CA ILE A 26 1.89 -9.60 10.93
C ILE A 26 2.93 -8.94 11.81
N ILE A 27 2.47 -8.23 12.84
CA ILE A 27 3.39 -7.48 13.69
C ILE A 27 4.12 -8.41 14.65
N ASN A 28 3.46 -9.47 15.13
CA ASN A 28 3.99 -10.25 16.24
C ASN A 28 4.66 -11.55 15.84
N THR A 29 4.41 -12.07 14.64
CA THR A 29 4.99 -13.34 14.25
C THR A 29 6.48 -13.15 13.93
N PHE A 30 7.31 -14.05 14.43
CA PHE A 30 8.70 -14.03 14.00
C PHE A 30 8.78 -14.52 12.55
N TYR A 31 9.27 -13.65 11.66
CA TYR A 31 9.30 -13.98 10.24
C TYR A 31 10.35 -13.07 9.58
N SER A 32 11.47 -13.66 9.14
CA SER A 32 12.61 -12.83 8.76
C SER A 32 12.46 -12.19 7.38
N ASN A 33 11.64 -12.76 6.50
CA ASN A 33 11.60 -12.39 5.08
C ASN A 33 10.68 -11.18 4.86
N LYS A 34 11.03 -10.08 5.54
CA LYS A 34 10.17 -8.91 5.54
C LYS A 34 10.14 -8.18 4.21
N GLU A 35 11.14 -8.39 3.34
CA GLU A 35 11.26 -7.58 2.12
C GLU A 35 10.06 -7.73 1.19
N ILE A 36 9.27 -8.79 1.35
CA ILE A 36 8.11 -8.99 0.48
C ILE A 36 7.07 -7.88 0.61
N PHE A 37 7.13 -7.04 1.65
CA PHE A 37 6.17 -5.93 1.71
C PHE A 37 6.25 -5.10 0.42
N LEU A 38 7.45 -4.94 -0.14
CA LEU A 38 7.55 -4.00 -1.26
C LEU A 38 6.93 -4.61 -2.51
N ARG A 39 7.16 -5.91 -2.71
CA ARG A 39 6.51 -6.62 -3.80
C ARG A 39 5.00 -6.47 -3.72
N GLU A 40 4.45 -6.60 -2.51
CA GLU A 40 3.00 -6.57 -2.36
C GLU A 40 2.43 -5.19 -2.65
N LEU A 41 3.11 -4.14 -2.19
CA LEU A 41 2.59 -2.80 -2.45
C LEU A 41 2.76 -2.43 -3.92
N ILE A 42 3.85 -2.84 -4.55
CA ILE A 42 4.03 -2.55 -5.97
C ILE A 42 2.97 -3.30 -6.78
N SER A 43 2.64 -4.52 -6.35
CA SER A 43 1.60 -5.28 -7.04
C SER A 43 0.24 -4.60 -6.89
N ASN A 44 -0.06 -4.07 -5.69
CA ASN A 44 -1.30 -3.31 -5.54
C ASN A 44 -1.31 -2.10 -6.45
N SER A 45 -0.17 -1.40 -6.56
CA SER A 45 -0.10 -0.25 -7.45
C SER A 45 -0.34 -0.67 -8.90
N SER A 46 0.28 -1.79 -9.33
CA SER A 46 0.06 -2.29 -10.68
C SER A 46 -1.42 -2.60 -10.90
N ASP A 47 -2.09 -3.25 -9.93
CA ASP A 47 -3.51 -3.50 -10.07
C ASP A 47 -4.31 -2.21 -10.22
N ALA A 48 -3.95 -1.16 -9.46
CA ALA A 48 -4.63 0.12 -9.55
C ALA A 48 -4.44 0.77 -10.91
N LEU A 49 -3.21 0.69 -11.43
CA LEU A 49 -2.94 1.24 -12.75
C LEU A 49 -3.70 0.47 -13.82
N ASP A 50 -3.78 -0.86 -13.69
CA ASP A 50 -4.55 -1.66 -14.65
C ASP A 50 -5.99 -1.18 -14.69
N LYS A 51 -6.57 -0.88 -13.53
CA LYS A 51 -7.98 -0.50 -13.50
C LYS A 51 -8.25 0.82 -14.20
N ILE A 52 -7.42 1.83 -13.97
CA ILE A 52 -7.70 3.10 -14.66
C ILE A 52 -7.38 2.97 -16.14
N ARG A 53 -6.39 2.16 -16.50
CA ARG A 53 -6.12 1.94 -17.92
C ARG A 53 -7.33 1.31 -18.60
N TYR A 54 -7.91 0.28 -17.97
CA TYR A 54 -9.07 -0.39 -18.56
C TYR A 54 -10.23 0.59 -18.71
N GLU A 55 -10.49 1.40 -17.69
CA GLU A 55 -11.60 2.35 -17.78
C GLU A 55 -11.35 3.37 -18.88
N SER A 56 -10.08 3.77 -19.07
CA SER A 56 -9.77 4.76 -20.11
C SER A 56 -9.95 4.20 -21.52
N LEU A 57 -10.02 2.88 -21.68
CA LEU A 57 -10.15 2.33 -23.03
C LEU A 57 -11.47 2.70 -23.68
N THR A 58 -12.50 2.92 -22.88
CA THR A 58 -13.79 3.30 -23.42
C THR A 58 -14.19 4.73 -23.08
N ASP A 59 -13.43 5.40 -22.21
CA ASP A 59 -13.72 6.76 -21.78
C ASP A 59 -12.40 7.48 -21.57
N PRO A 60 -11.86 8.12 -22.60
CA PRO A 60 -10.54 8.75 -22.44
C PRO A 60 -10.53 9.85 -21.39
N SER A 61 -11.68 10.47 -21.09
CA SER A 61 -11.69 11.55 -20.09
C SER A 61 -11.33 11.05 -18.70
N LYS A 62 -11.35 9.73 -18.47
CA LYS A 62 -10.89 9.19 -17.20
C LYS A 62 -9.44 9.56 -16.90
N LEU A 63 -8.66 9.91 -17.93
CA LEU A 63 -7.27 10.29 -17.73
C LEU A 63 -7.06 11.79 -17.73
N ASP A 64 -8.14 12.58 -17.70
CA ASP A 64 -7.95 14.02 -17.58
C ASP A 64 -7.24 14.41 -16.30
N SER A 65 -7.32 13.57 -15.26
CA SER A 65 -6.63 13.77 -13.99
C SER A 65 -5.16 13.36 -14.03
N GLY A 66 -4.66 12.97 -15.20
CA GLY A 66 -3.27 12.61 -15.33
C GLY A 66 -3.12 11.47 -16.32
N LYS A 67 -2.36 11.68 -17.40
CA LYS A 67 -2.20 10.64 -18.40
C LYS A 67 -1.09 9.64 -18.08
N GLU A 68 -0.12 10.01 -17.24
CA GLU A 68 1.02 9.14 -16.96
C GLU A 68 0.63 8.02 -16.01
N LEU A 69 1.00 6.79 -16.35
CA LEU A 69 0.74 5.58 -15.54
C LEU A 69 2.09 5.04 -15.06
N HIS A 70 2.40 5.30 -13.79
CA HIS A 70 3.72 4.95 -13.28
C HIS A 70 3.71 4.71 -11.78
N ILE A 71 4.85 4.22 -11.28
CA ILE A 71 5.08 3.94 -9.87
C ILE A 71 6.41 4.59 -9.48
N ASN A 72 6.40 5.42 -8.43
CA ASN A 72 7.61 6.04 -7.91
C ASN A 72 7.90 5.50 -6.51
N LEU A 73 9.17 5.24 -6.23
CA LEU A 73 9.60 4.81 -4.92
C LEU A 73 10.47 5.93 -4.36
N ILE A 74 10.07 6.50 -3.22
CA ILE A 74 10.71 7.70 -2.69
C ILE A 74 11.18 7.43 -1.27
N PRO A 75 12.46 7.12 -1.10
CA PRO A 75 13.01 7.02 0.25
C PRO A 75 13.39 8.39 0.79
N ASN A 76 13.22 8.55 2.10
CA ASN A 76 13.59 9.79 2.79
C ASN A 76 14.22 9.41 4.13
N LYS A 77 15.55 9.48 4.21
CA LYS A 77 16.22 9.06 5.44
C LYS A 77 16.05 10.05 6.59
N GLN A 78 15.75 11.33 6.29
CA GLN A 78 15.57 12.30 7.37
C GLN A 78 14.26 12.07 8.11
N ASP A 79 13.20 11.79 7.37
CA ASP A 79 11.88 11.47 7.91
C ASP A 79 11.75 10.00 8.27
N ARG A 80 12.69 9.16 7.83
CA ARG A 80 12.62 7.69 7.95
C ARG A 80 11.34 7.13 7.33
N THR A 81 11.05 7.55 6.10
CA THR A 81 9.87 7.07 5.39
C THR A 81 10.27 6.53 4.03
N LEU A 82 9.52 5.51 3.59
CA LEU A 82 9.56 5.03 2.22
C LEU A 82 8.17 5.22 1.65
N THR A 83 8.07 5.97 0.56
CA THR A 83 6.77 6.28 -0.02
C THR A 83 6.66 5.60 -1.36
N ILE A 84 5.54 4.90 -1.59
CA ILE A 84 5.25 4.23 -2.86
C ILE A 84 4.09 5.00 -3.51
N VAL A 85 4.35 5.68 -4.64
CA VAL A 85 3.36 6.52 -5.30
C VAL A 85 2.93 5.82 -6.58
N ASP A 86 1.62 5.75 -6.82
CA ASP A 86 1.17 5.32 -8.14
C ASP A 86 0.11 6.28 -8.65
N THR A 87 -0.05 6.31 -9.95
CA THR A 87 -1.09 7.12 -10.57
C THR A 87 -2.24 6.26 -11.06
N GLY A 88 -2.58 5.24 -10.29
CA GLY A 88 -3.67 4.35 -10.65
C GLY A 88 -5.02 4.97 -10.35
N ILE A 89 -6.02 4.10 -10.23
CA ILE A 89 -7.39 4.58 -10.16
C ILE A 89 -7.70 5.27 -8.84
N GLY A 90 -6.90 5.03 -7.80
CA GLY A 90 -7.16 5.63 -6.50
C GLY A 90 -8.32 4.97 -5.78
N MET A 91 -8.61 5.52 -4.61
CA MET A 91 -9.74 5.03 -3.82
C MET A 91 -10.62 6.16 -3.31
N THR A 92 -11.93 5.89 -3.29
CA THR A 92 -12.89 6.78 -2.66
C THR A 92 -12.79 6.69 -1.13
N LYS A 93 -13.46 7.62 -0.44
CA LYS A 93 -13.52 7.54 1.01
C LYS A 93 -14.13 6.21 1.43
N ALA A 94 -15.20 5.78 0.75
CA ALA A 94 -15.83 4.51 1.09
C ALA A 94 -14.86 3.35 0.92
N ASP A 95 -14.07 3.37 -0.16
CA ASP A 95 -13.05 2.34 -0.38
C ASP A 95 -12.05 2.31 0.78
N LEU A 96 -11.58 3.48 1.20
CA LEU A 96 -10.61 3.51 2.29
C LEU A 96 -11.17 2.84 3.53
N ILE A 97 -12.39 3.21 3.90
CA ILE A 97 -13.00 2.70 5.12
C ILE A 97 -13.26 1.20 5.01
N ASN A 98 -13.61 0.73 3.81
CA ASN A 98 -13.86 -0.68 3.56
C ASN A 98 -12.54 -1.41 3.26
N ASN A 99 -11.62 -1.32 4.23
CA ASN A 99 -10.33 -2.01 4.19
C ASN A 99 -9.54 -1.75 2.90
N LEU A 100 -9.43 -0.48 2.55
CA LEU A 100 -8.61 -0.05 1.40
C LEU A 100 -8.98 -0.82 0.13
N GLY A 101 -10.28 -0.98 -0.09
CA GLY A 101 -10.76 -1.58 -1.33
C GLY A 101 -10.60 -3.07 -1.45
N THR A 102 -10.40 -3.77 -0.33
CA THR A 102 -10.17 -5.20 -0.33
C THR A 102 -11.37 -5.91 0.26
N ILE A 103 -11.45 -7.22 0.02
CA ILE A 103 -12.40 -8.06 0.74
C ILE A 103 -11.66 -8.67 1.91
N ALA A 104 -11.21 -7.82 2.83
CA ALA A 104 -10.22 -8.26 3.78
C ALA A 104 -10.76 -9.26 4.78
N LYS A 105 -12.06 -9.23 5.11
CA LYS A 105 -12.58 -10.22 6.05
C LYS A 105 -12.43 -11.65 5.50
N SER A 106 -12.95 -11.89 4.29
CA SER A 106 -12.84 -13.24 3.76
C SER A 106 -11.40 -13.56 3.34
N GLY A 107 -10.63 -12.57 2.91
CA GLY A 107 -9.21 -12.81 2.60
C GLY A 107 -8.40 -13.19 3.81
N THR A 108 -8.63 -12.52 4.95
CA THR A 108 -7.95 -12.91 6.18
C THR A 108 -8.30 -14.32 6.60
N LYS A 109 -9.58 -14.69 6.51
CA LYS A 109 -9.99 -16.04 6.89
C LYS A 109 -9.25 -17.07 6.06
N ALA A 110 -9.17 -16.85 4.75
CA ALA A 110 -8.47 -17.80 3.90
C ALA A 110 -6.98 -17.82 4.22
N PHE A 111 -6.41 -16.65 4.47
CA PHE A 111 -4.97 -16.56 4.72
C PHE A 111 -4.59 -17.33 5.99
N MET A 112 -5.35 -17.15 7.07
CA MET A 112 -4.96 -17.78 8.32
C MET A 112 -5.20 -19.28 8.28
N GLU A 113 -6.18 -19.73 7.50
CA GLU A 113 -6.35 -21.15 7.24
C GLU A 113 -5.15 -21.71 6.49
N ALA A 114 -4.61 -20.93 5.55
CA ALA A 114 -3.46 -21.40 4.79
C ALA A 114 -2.22 -21.47 5.68
N LEU A 115 -2.07 -20.52 6.60
CA LEU A 115 -0.89 -20.50 7.48
C LEU A 115 -0.86 -21.73 8.37
N GLN A 116 -2.02 -22.10 8.93
CA GLN A 116 -2.08 -23.30 9.74
C GLN A 116 -1.94 -24.58 8.92
N ALA A 117 -2.04 -24.48 7.59
CA ALA A 117 -1.89 -25.62 6.69
C ALA A 117 -0.55 -25.62 5.97
N GLY A 118 0.40 -24.80 6.41
CA GLY A 118 1.77 -24.86 5.90
C GLY A 118 2.25 -23.62 5.18
N ALA A 119 1.38 -22.68 4.83
CA ALA A 119 1.81 -21.48 4.12
C ALA A 119 2.63 -20.59 5.05
N ASP A 120 3.32 -19.61 4.47
CA ASP A 120 4.02 -18.60 5.24
C ASP A 120 3.53 -17.21 4.86
N ILE A 121 3.99 -16.21 5.63
CA ILE A 121 3.49 -14.86 5.47
C ILE A 121 3.72 -14.32 4.06
N SER A 122 4.74 -14.80 3.36
CA SER A 122 5.02 -14.26 2.03
C SER A 122 3.91 -14.53 1.02
N MET A 123 3.00 -15.47 1.30
CA MET A 123 1.89 -15.77 0.38
C MET A 123 0.69 -14.85 0.58
N ILE A 124 0.82 -13.81 1.40
CA ILE A 124 -0.30 -12.96 1.79
C ILE A 124 -1.02 -12.37 0.57
N GLY A 125 -0.27 -12.03 -0.48
CA GLY A 125 -0.88 -11.42 -1.66
C GLY A 125 -1.87 -12.32 -2.37
N GLN A 126 -1.71 -13.64 -2.25
CA GLN A 126 -2.65 -14.57 -2.87
C GLN A 126 -4.01 -14.53 -2.22
N PHE A 127 -4.14 -13.82 -1.11
CA PHE A 127 -5.39 -13.72 -0.37
C PHE A 127 -5.95 -12.30 -0.40
N GLY A 128 -5.37 -11.42 -1.22
CA GLY A 128 -5.95 -10.12 -1.45
C GLY A 128 -5.79 -9.12 -0.32
N VAL A 129 -4.93 -9.40 0.65
CA VAL A 129 -4.73 -8.50 1.78
C VAL A 129 -3.24 -8.14 1.89
N GLY A 130 -2.53 -8.10 0.76
CA GLY A 130 -1.12 -7.79 0.73
C GLY A 130 -0.76 -6.41 1.28
N PHE A 131 -1.71 -5.46 1.24
CA PHE A 131 -1.44 -4.14 1.80
C PHE A 131 -0.92 -4.27 3.23
N TYR A 132 -1.51 -5.16 4.02
CA TYR A 132 -1.21 -5.17 5.45
C TYR A 132 0.20 -5.68 5.75
N SER A 133 0.89 -6.26 4.76
CA SER A 133 2.29 -6.59 4.92
C SER A 133 3.16 -5.34 5.14
N ALA A 134 2.63 -4.16 4.86
CA ALA A 134 3.35 -2.94 5.21
C ALA A 134 3.80 -2.94 6.67
N TYR A 135 3.00 -3.56 7.58
CA TYR A 135 3.32 -3.56 9.00
C TYR A 135 4.45 -4.53 9.37
N LEU A 136 5.02 -5.23 8.39
CA LEU A 136 6.27 -5.95 8.61
C LEU A 136 7.41 -4.98 8.86
N VAL A 137 7.35 -3.79 8.27
CA VAL A 137 8.47 -2.85 8.34
C VAL A 137 8.06 -1.49 8.89
N ALA A 138 6.78 -1.15 8.95
CA ALA A 138 6.32 0.18 9.32
C ALA A 138 5.65 0.17 10.68
N GLU A 139 5.99 1.16 11.51
CA GLU A 139 5.21 1.34 12.73
C GLU A 139 3.93 2.13 12.49
N LYS A 140 3.88 2.92 11.41
CA LYS A 140 2.70 3.69 11.05
C LYS A 140 2.65 3.72 9.54
N VAL A 141 1.44 3.65 8.98
CA VAL A 141 1.25 3.76 7.54
C VAL A 141 0.25 4.87 7.28
N THR A 142 0.57 5.77 6.35
CA THR A 142 -0.32 6.82 5.90
C THR A 142 -0.64 6.56 4.43
N VAL A 143 -1.91 6.60 4.06
CA VAL A 143 -2.30 6.39 2.67
C VAL A 143 -3.02 7.65 2.22
N ILE A 144 -2.49 8.34 1.21
CA ILE A 144 -3.14 9.50 0.63
C ILE A 144 -3.69 9.05 -0.71
N THR A 145 -4.93 9.42 -1.04
CA THR A 145 -5.49 8.85 -2.25
C THR A 145 -6.48 9.83 -2.87
N LYS A 146 -6.59 9.75 -4.21
CA LYS A 146 -7.52 10.59 -4.96
C LYS A 146 -8.10 9.74 -6.07
N HIS A 147 -9.40 9.53 -6.03
CA HIS A 147 -10.16 8.84 -7.07
C HIS A 147 -10.93 9.89 -7.87
N ASN A 148 -11.10 9.65 -9.18
CA ASN A 148 -11.83 10.61 -10.01
C ASN A 148 -13.19 10.98 -9.43
N ASP A 149 -13.84 10.07 -8.72
CA ASP A 149 -15.21 10.28 -8.27
C ASP A 149 -15.30 10.82 -6.85
N ASP A 150 -14.18 11.19 -6.23
CA ASP A 150 -14.20 11.66 -4.84
C ASP A 150 -13.07 12.67 -4.61
N GLU A 151 -13.02 13.19 -3.39
CA GLU A 151 -12.02 14.18 -3.01
C GLU A 151 -10.77 13.45 -2.48
N GLN A 152 -9.72 14.21 -2.21
CA GLN A 152 -8.48 13.61 -1.73
C GLN A 152 -8.57 13.35 -0.23
N TYR A 153 -8.22 12.12 0.18
CA TYR A 153 -8.34 11.71 1.57
C TYR A 153 -7.01 11.15 2.07
N ALA A 154 -6.84 11.19 3.39
CA ALA A 154 -5.71 10.56 4.08
C ALA A 154 -6.24 9.53 5.07
N TRP A 155 -5.81 8.28 4.93
CA TRP A 155 -6.02 7.21 5.88
C TRP A 155 -4.72 7.03 6.70
N GLU A 156 -4.85 6.69 7.98
CA GLU A 156 -3.63 6.46 8.75
C GLU A 156 -3.89 5.45 9.86
N SER A 157 -2.91 4.61 10.12
CA SER A 157 -3.02 3.70 11.27
C SER A 157 -1.65 3.30 11.79
N SER A 158 -1.52 3.27 13.12
CA SER A 158 -0.38 2.66 13.80
C SER A 158 -0.75 1.31 14.39
N ALA A 159 -1.74 0.64 13.80
CA ALA A 159 -2.34 -0.62 14.27
C ALA A 159 -2.96 -0.32 15.65
N GLY A 160 -2.91 -1.24 16.61
CA GLY A 160 -3.60 -0.96 17.86
C GLY A 160 -5.12 -0.92 17.77
N GLY A 161 -5.69 -1.38 16.67
CA GLY A 161 -7.12 -1.56 16.58
C GLY A 161 -7.92 -0.46 15.91
N SER A 162 -7.28 0.61 15.48
CA SER A 162 -8.03 1.76 14.95
C SER A 162 -7.29 2.38 13.80
N PHE A 163 -8.05 3.11 12.97
CA PHE A 163 -7.48 3.90 11.88
C PHE A 163 -8.26 5.21 11.81
N THR A 164 -7.65 6.22 11.17
CA THR A 164 -8.31 7.51 11.02
C THR A 164 -8.45 7.81 9.54
N VAL A 165 -9.49 8.58 9.23
CA VAL A 165 -9.68 9.10 7.87
C VAL A 165 -9.98 10.60 7.98
N ARG A 166 -9.30 11.40 7.16
CA ARG A 166 -9.53 12.83 7.11
C ARG A 166 -9.39 13.33 5.68
N THR A 167 -10.07 14.45 5.38
CA THR A 167 -9.79 15.13 4.11
C THR A 167 -8.35 15.61 4.12
N ASP A 168 -7.67 15.43 2.99
CA ASP A 168 -6.26 15.79 2.89
C ASP A 168 -6.14 17.17 2.28
N THR A 169 -5.47 18.06 2.99
CA THR A 169 -5.20 19.40 2.53
C THR A 169 -3.78 19.55 1.99
N GLY A 170 -3.02 18.46 1.93
CA GLY A 170 -1.68 18.47 1.40
C GLY A 170 -1.66 18.73 -0.10
N GLU A 171 -0.49 18.50 -0.69
CA GLU A 171 -0.29 18.67 -2.12
C GLU A 171 -1.31 17.86 -2.92
N PRO A 172 -2.12 18.48 -3.77
CA PRO A 172 -3.05 17.71 -4.61
C PRO A 172 -2.30 16.68 -5.44
N MET A 173 -2.87 15.47 -5.57
CA MET A 173 -2.22 14.42 -6.33
C MET A 173 -2.78 14.17 -7.73
N GLY A 174 -3.91 14.77 -8.08
CA GLY A 174 -4.44 14.52 -9.41
C GLY A 174 -5.28 13.27 -9.44
N ARG A 175 -4.63 12.11 -9.27
CA ARG A 175 -5.28 10.81 -9.22
C ARG A 175 -4.25 9.77 -8.80
N GLY A 176 -4.66 8.84 -7.91
CA GLY A 176 -3.77 7.76 -7.55
C GLY A 176 -3.68 7.58 -6.07
N THR A 177 -2.64 6.89 -5.65
CA THR A 177 -2.45 6.54 -4.23
C THR A 177 -0.99 6.67 -3.83
N LYS A 178 -0.77 7.21 -2.63
CA LYS A 178 0.55 7.34 -2.05
C LYS A 178 0.54 6.56 -0.73
N VAL A 179 1.40 5.56 -0.59
CA VAL A 179 1.53 4.81 0.67
C VAL A 179 2.83 5.26 1.32
N ILE A 180 2.72 5.90 2.47
CA ILE A 180 3.86 6.42 3.22
C ILE A 180 4.15 5.45 4.35
N LEU A 181 5.29 4.78 4.29
CA LEU A 181 5.68 3.83 5.33
C LEU A 181 6.59 4.55 6.32
N HIS A 182 6.13 4.74 7.55
CA HIS A 182 6.96 5.28 8.63
C HIS A 182 7.71 4.09 9.23
N LEU A 183 8.97 3.91 8.84
CA LEU A 183 9.65 2.65 9.10
C LEU A 183 10.03 2.49 10.56
N LYS A 184 10.01 1.23 11.03
CA LYS A 184 10.54 0.88 12.34
C LYS A 184 12.04 1.17 12.39
N GLU A 185 12.55 1.45 13.59
CA GLU A 185 13.92 1.93 13.69
C GLU A 185 14.93 0.91 13.20
N ASP A 186 14.61 -0.38 13.28
CA ASP A 186 15.54 -1.43 12.85
C ASP A 186 15.31 -1.88 11.40
N GLN A 187 14.47 -1.17 10.65
CA GLN A 187 14.13 -1.54 9.28
C GLN A 187 14.59 -0.48 8.28
N THR A 188 15.62 0.30 8.63
CA THR A 188 16.04 1.39 7.74
C THR A 188 16.84 0.90 6.53
N GLU A 189 17.16 -0.40 6.46
CA GLU A 189 17.76 -0.93 5.24
C GLU A 189 16.89 -0.66 4.01
N TYR A 190 15.58 -0.51 4.19
CA TYR A 190 14.70 -0.32 3.04
C TYR A 190 14.65 1.11 2.58
N LEU A 191 15.49 1.98 3.15
CA LEU A 191 15.77 3.30 2.58
C LEU A 191 17.02 3.33 1.74
N GLU A 192 17.78 2.26 1.70
CA GLU A 192 19.06 2.22 1.00
C GLU A 192 18.86 1.87 -0.46
N GLU A 193 19.48 2.66 -1.35
CA GLU A 193 19.24 2.50 -2.78
C GLU A 193 19.54 1.06 -3.23
N ARG A 194 20.70 0.53 -2.83
CA ARG A 194 21.08 -0.78 -3.35
C ARG A 194 20.12 -1.86 -2.85
N ARG A 195 19.56 -1.70 -1.64
CA ARG A 195 18.62 -2.69 -1.12
C ARG A 195 17.29 -2.63 -1.86
N ILE A 196 16.76 -1.42 -2.09
CA ILE A 196 15.51 -1.28 -2.82
C ILE A 196 15.67 -1.85 -4.24
N LYS A 197 16.79 -1.49 -4.91
CA LYS A 197 17.01 -2.00 -6.27
C LYS A 197 17.00 -3.52 -6.29
N GLU A 198 17.68 -4.14 -5.31
CA GLU A 198 17.75 -5.60 -5.23
C GLU A 198 16.36 -6.20 -5.12
N ILE A 199 15.52 -5.63 -4.26
CA ILE A 199 14.18 -6.17 -4.05
C ILE A 199 13.33 -6.00 -5.30
N VAL A 200 13.39 -4.83 -5.92
CA VAL A 200 12.59 -4.62 -7.12
C VAL A 200 13.01 -5.60 -8.20
N LYS A 201 14.32 -5.82 -8.37
CA LYS A 201 14.79 -6.74 -9.40
C LYS A 201 14.39 -8.17 -9.11
N LYS A 202 14.35 -8.54 -7.82
CA LYS A 202 14.04 -9.92 -7.44
C LYS A 202 12.57 -10.26 -7.58
N HIS A 203 11.70 -9.31 -7.18
CA HIS A 203 10.29 -9.61 -7.00
C HIS A 203 9.36 -8.90 -7.96
N SER A 204 9.82 -7.85 -8.66
CA SER A 204 8.92 -7.03 -9.46
C SER A 204 9.42 -6.86 -10.89
N GLN A 205 10.17 -7.84 -11.40
CA GLN A 205 10.76 -7.68 -12.73
C GLN A 205 9.72 -7.61 -13.84
N PHE A 206 8.52 -8.17 -13.64
CA PHE A 206 7.51 -8.22 -14.70
C PHE A 206 6.34 -7.27 -14.44
N ILE A 207 6.53 -6.24 -13.65
CA ILE A 207 5.52 -5.21 -13.49
C ILE A 207 5.53 -4.31 -14.73
N GLY A 208 4.35 -4.12 -15.33
CA GLY A 208 4.25 -3.50 -16.64
C GLY A 208 4.12 -2.00 -16.66
N TYR A 209 4.73 -1.35 -15.68
CA TYR A 209 4.73 0.10 -15.52
C TYR A 209 6.11 0.53 -15.09
N PRO A 210 6.54 1.73 -15.46
CA PRO A 210 7.87 2.19 -15.01
C PRO A 210 7.90 2.41 -13.52
N ILE A 211 8.95 1.88 -12.89
CA ILE A 211 9.19 2.01 -11.45
C ILE A 211 10.44 2.85 -11.32
N THR A 212 10.28 4.05 -10.79
CA THR A 212 11.39 5.00 -10.70
C THR A 212 11.79 5.09 -9.24
N LEU A 213 13.03 4.73 -8.95
CA LEU A 213 13.56 4.84 -7.60
C LEU A 213 14.24 6.20 -7.47
N PHE A 214 13.66 7.08 -6.66
CA PHE A 214 14.23 8.40 -6.47
C PHE A 214 15.49 8.29 -5.63
N VAL A 215 16.44 9.19 -5.86
CA VAL A 215 17.64 9.23 -5.04
C VAL A 215 17.55 10.44 -4.13
N GLU A 216 18.40 10.43 -3.11
CA GLU A 216 18.47 11.51 -2.13
C GLU A 216 19.78 12.27 -2.21
N LYS A 217 19.71 13.57 -1.87
CA LYS A 217 20.89 14.33 -1.46
C LYS A 217 20.55 15.73 -0.97
C11 A7Q B . -2.01 0.77 -3.30
C10 A7Q B . -7.16 1.47 -5.81
C9 A7Q B . -8.13 0.74 -6.45
C8 A7Q B . -7.85 -0.51 -6.96
C7 A7Q B . -6.59 -1.04 -6.83
C4 A7Q B . -4.09 1.16 -4.12
C5 A7Q B . -5.90 0.93 -5.68
C6 A7Q B . -5.61 -0.33 -6.16
C3 A7Q B . -4.69 0.36 -3.15
C2 A7Q B . -3.88 -0.22 -2.21
C1 A7Q B . -2.50 -0.03 -2.28
O A7Q B . -0.27 -0.71 -1.86
C A7Q B . -1.56 -0.66 -1.29
N A7Q B . -2.80 1.36 -4.23
O1 A7Q B . -4.94 1.73 -5.03
#